data_2A0K
#
_entry.id   2A0K
#
_cell.length_a   60.004
_cell.length_b   75.156
_cell.length_c   87.365
_cell.angle_alpha   90.00
_cell.angle_beta   89.97
_cell.angle_gamma   90.00
#
_symmetry.space_group_name_H-M   'C 1 2 1'
#
loop_
_entity.id
_entity.type
_entity.pdbx_description
1 polymer 'Nucleoside 2-deoxyribosyltransferase'
2 non-polymer 'SULFATE ION'
3 non-polymer GLYCEROL
4 water water
#
_entity_poly.entity_id   1
_entity_poly.type   'polypeptide(L)'
_entity_poly.pdbx_seq_one_letter_code
;(MSE)AHHHHHH(MSE)RKIYIAGPAVFNPD(MSE)GASYYNKVRELLKKENV(MSE)PLIPTDNEATEALDIRQKNIQ
(MSE)IKDCDAVIADLSPFRGHEPDCGTAFEVGCAAALNK(MSE)VLTFTSDRRN(MSE)REKYGSGVDKDNLRVEGFGL
PFNL(MSE)LYDGVEVFDSFESAFKYFLANFPSK
;
_entity_poly.pdbx_strand_id   A,B
#
loop_
_chem_comp.id
_chem_comp.type
_chem_comp.name
_chem_comp.formula
GOL non-polymer GLYCEROL 'C3 H8 O3'
SO4 non-polymer 'SULFATE ION' 'O4 S -2'
#
# COMPACT_ATOMS: atom_id res chain seq x y z
N HIS A 3 -31.83 6.51 28.76
CA HIS A 3 -31.13 5.35 29.40
C HIS A 3 -30.91 4.20 28.43
N HIS A 4 -29.72 3.60 28.54
CA HIS A 4 -29.32 2.43 27.76
C HIS A 4 -29.42 2.62 26.24
N HIS A 5 -28.87 3.75 25.79
CA HIS A 5 -28.61 4.01 24.39
C HIS A 5 -27.45 3.12 23.95
N HIS A 6 -27.39 2.80 22.67
CA HIS A 6 -26.22 2.11 22.14
C HIS A 6 -24.96 2.95 22.39
N HIS A 7 -23.89 2.30 22.86
CA HIS A 7 -22.61 2.99 23.01
C HIS A 7 -21.57 2.42 22.06
N HIS A 8 -21.01 3.28 21.23
CA HIS A 8 -19.96 2.88 20.32
C HIS A 8 -18.66 2.68 21.08
N MSE A 9 -18.00 1.56 20.83
CA MSE A 9 -16.67 1.33 21.35
C MSE A 9 -15.68 1.65 20.23
O MSE A 9 -15.76 1.07 19.14
CB MSE A 9 -16.49 -0.11 21.81
CG MSE A 9 -15.14 -0.38 22.46
SE MSE A 9 -15.12 -2.12 23.36
CE MSE A 9 -13.42 -1.95 24.35
N ARG A 10 -14.76 2.57 20.52
CA ARG A 10 -13.76 2.99 19.56
C ARG A 10 -12.84 1.84 19.17
N LYS A 11 -12.42 1.83 17.91
CA LYS A 11 -11.64 0.73 17.36
C LYS A 11 -10.48 1.28 16.51
N ILE A 12 -9.29 0.71 16.70
CA ILE A 12 -8.12 1.08 15.92
C ILE A 12 -7.52 -0.16 15.26
N TYR A 13 -7.34 -0.09 13.94
CA TYR A 13 -6.64 -1.14 13.20
C TYR A 13 -5.13 -0.98 13.38
N ILE A 14 -4.49 -2.09 13.74
CA ILE A 14 -3.08 -2.08 14.15
C ILE A 14 -2.23 -2.61 13.00
N ALA A 15 -1.85 -1.69 12.12
CA ALA A 15 -1.11 -2.04 10.90
C ALA A 15 0.38 -1.95 11.13
N GLY A 16 1.12 -2.89 10.57
CA GLY A 16 2.57 -2.88 10.72
C GLY A 16 3.20 -4.25 10.64
N PRO A 17 4.51 -4.30 10.36
CA PRO A 17 5.19 -5.56 10.10
C PRO A 17 5.63 -6.31 11.37
N ALA A 18 5.14 -5.91 12.53
CA ALA A 18 5.37 -6.67 13.77
C ALA A 18 4.97 -8.14 13.62
N VAL A 19 3.95 -8.39 12.80
CA VAL A 19 3.50 -9.75 12.48
C VAL A 19 4.63 -10.68 11.98
N PHE A 20 5.69 -10.09 11.42
CA PHE A 20 6.80 -10.87 10.89
C PHE A 20 7.90 -11.13 11.92
N ASN A 21 7.73 -10.60 13.13
CA ASN A 21 8.62 -10.91 14.25
C ASN A 21 8.58 -12.40 14.58
N PRO A 22 9.69 -12.96 15.10
CA PRO A 22 9.69 -14.38 15.47
C PRO A 22 8.48 -14.79 16.31
N ASP A 23 8.01 -13.90 17.18
CA ASP A 23 6.84 -14.18 18.03
C ASP A 23 5.50 -13.83 17.36
N MSE A 24 5.53 -13.59 16.05
CA MSE A 24 4.35 -13.24 15.24
C MSE A 24 3.65 -11.97 15.71
O MSE A 24 2.46 -11.79 15.49
CB MSE A 24 3.38 -14.42 15.18
CG MSE A 24 3.95 -15.67 14.53
SE MSE A 24 2.76 -17.19 14.67
CE MSE A 24 2.62 -17.33 16.62
N GLY A 25 4.43 -11.10 16.36
CA GLY A 25 3.95 -9.80 16.82
C GLY A 25 3.47 -9.75 18.26
N ALA A 26 3.53 -10.88 18.97
CA ALA A 26 2.98 -11.00 20.32
C ALA A 26 3.37 -9.83 21.24
N SER A 27 4.67 -9.55 21.35
CA SER A 27 5.14 -8.50 22.25
C SER A 27 4.63 -7.10 21.86
N TYR A 28 4.61 -6.83 20.55
CA TYR A 28 4.08 -5.58 20.01
C TYR A 28 2.59 -5.47 20.31
N TYR A 29 1.84 -6.51 19.95
CA TYR A 29 0.38 -6.52 20.14
C TYR A 29 -0.02 -6.47 21.62
N ASN A 30 0.76 -7.13 22.48
CA ASN A 30 0.51 -7.07 23.92
C ASN A 30 0.64 -5.65 24.47
N LYS A 31 1.69 -4.94 24.05
CA LYS A 31 1.89 -3.55 24.44
C LYS A 31 0.75 -2.65 23.98
N VAL A 32 0.32 -2.85 22.74
CA VAL A 32 -0.84 -2.17 22.16
C VAL A 32 -2.12 -2.46 22.97
N ARG A 33 -2.38 -3.74 23.23
CA ARG A 33 -3.56 -4.16 24.00
C ARG A 33 -3.64 -3.47 25.36
N GLU A 34 -2.52 -3.46 26.08
CA GLU A 34 -2.48 -2.89 27.43
C GLU A 34 -2.74 -1.38 27.41
N LEU A 35 -2.18 -0.70 26.42
CA LEU A 35 -2.30 0.74 26.29
C LEU A 35 -3.73 1.15 25.94
N LEU A 36 -4.33 0.41 24.99
CA LEU A 36 -5.69 0.72 24.53
C LEU A 36 -6.76 0.32 25.54
N LYS A 37 -6.51 -0.75 26.28
CA LYS A 37 -7.45 -1.24 27.30
C LYS A 37 -7.82 -0.15 28.31
N LYS A 38 -6.84 0.68 28.67
CA LYS A 38 -7.01 1.77 29.61
C LYS A 38 -8.04 2.81 29.14
N GLU A 39 -8.21 2.90 27.82
CA GLU A 39 -9.07 3.93 27.22
C GLU A 39 -10.38 3.37 26.64
N ASN A 40 -10.62 2.08 26.88
CA ASN A 40 -11.79 1.40 26.34
C ASN A 40 -11.81 1.43 24.80
N VAL A 41 -10.61 1.34 24.20
CA VAL A 41 -10.44 1.27 22.76
C VAL A 41 -10.10 -0.16 22.36
N MSE A 42 -10.78 -0.67 21.33
CA MSE A 42 -10.54 -2.02 20.80
C MSE A 42 -9.43 -2.04 19.75
O MSE A 42 -9.55 -1.37 18.72
CB MSE A 42 -11.81 -2.55 20.14
CG MSE A 42 -12.75 -3.25 21.05
SE MSE A 42 -14.32 -3.81 20.03
CE MSE A 42 -13.45 -5.02 18.77
N PRO A 43 -8.35 -2.80 20.00
CA PRO A 43 -7.38 -3.04 18.94
C PRO A 43 -7.92 -4.06 17.93
N LEU A 44 -7.86 -3.71 16.65
CA LEU A 44 -8.19 -4.65 15.58
C LEU A 44 -6.87 -5.14 15.01
N ILE A 45 -6.51 -6.37 15.37
CA ILE A 45 -5.17 -6.89 15.13
C ILE A 45 -5.17 -7.88 13.96
N PRO A 46 -4.25 -7.71 12.99
CA PRO A 46 -4.23 -8.49 11.75
C PRO A 46 -4.27 -10.01 11.91
N THR A 47 -3.68 -10.51 13.00
CA THR A 47 -3.63 -11.96 13.24
C THR A 47 -4.80 -12.50 14.06
N ASP A 48 -5.74 -11.63 14.46
CA ASP A 48 -6.89 -12.06 15.26
C ASP A 48 -7.86 -12.96 14.49
N ASN A 49 -8.26 -14.05 15.14
CA ASN A 49 -9.15 -15.07 14.54
C ASN A 49 -8.66 -15.52 13.16
N GLU A 50 -7.36 -15.74 13.05
CA GLU A 50 -6.71 -15.92 11.76
C GLU A 50 -7.25 -17.10 10.96
N ALA A 51 -7.48 -16.85 9.67
CA ALA A 51 -7.89 -17.89 8.75
C ALA A 51 -6.65 -18.60 8.21
N THR A 52 -6.85 -19.62 7.40
CA THR A 52 -5.74 -20.41 6.87
C THR A 52 -5.42 -20.05 5.42
N GLU A 53 -6.42 -19.52 4.71
CA GLU A 53 -6.28 -19.15 3.30
C GLU A 53 -5.97 -17.67 3.13
N ALA A 54 -5.00 -17.37 2.28
CA ALA A 54 -4.55 -16.01 2.01
C ALA A 54 -5.69 -15.03 1.78
N LEU A 55 -6.64 -15.40 0.92
CA LEU A 55 -7.73 -14.51 0.54
C LEU A 55 -8.66 -14.21 1.71
N ASP A 56 -8.83 -15.19 2.59
CA ASP A 56 -9.63 -15.04 3.80
C ASP A 56 -8.95 -14.09 4.80
N ILE A 57 -7.65 -14.29 5.01
CA ILE A 57 -6.82 -13.39 5.83
C ILE A 57 -6.92 -11.95 5.32
N ARG A 58 -6.73 -11.77 4.02
CA ARG A 58 -6.84 -10.46 3.39
C ARG A 58 -8.22 -9.83 3.61
N GLN A 59 -9.28 -10.59 3.34
CA GLN A 59 -10.64 -10.06 3.45
C GLN A 59 -11.01 -9.65 4.88
N LYS A 60 -10.59 -10.46 5.86
CA LYS A 60 -10.80 -10.15 7.27
C LYS A 60 -10.08 -8.87 7.69
N ASN A 61 -8.88 -8.67 7.16
CA ASN A 61 -8.11 -7.45 7.42
C ASN A 61 -8.75 -6.21 6.79
N ILE A 62 -9.19 -6.35 5.54
CA ILE A 62 -9.91 -5.26 4.88
C ILE A 62 -11.16 -4.88 5.67
N GLN A 63 -11.89 -5.88 6.18
CA GLN A 63 -13.08 -5.62 6.99
C GLN A 63 -12.74 -4.89 8.29
N MSE A 64 -11.61 -5.23 8.90
CA MSE A 64 -11.15 -4.51 10.09
C MSE A 64 -10.95 -3.03 9.80
O MSE A 64 -11.35 -2.18 10.61
CB MSE A 64 -9.86 -5.12 10.64
CG MSE A 64 -10.06 -6.47 11.32
SE MSE A 64 -8.42 -7.13 12.12
CE MSE A 64 -8.94 -8.97 12.42
N ILE A 65 -10.37 -2.72 8.65
CA ILE A 65 -10.20 -1.34 8.21
C ILE A 65 -11.55 -0.66 8.00
N LYS A 66 -12.48 -1.34 7.34
CA LYS A 66 -13.86 -0.83 7.21
C LYS A 66 -14.50 -0.56 8.58
N ASP A 67 -14.23 -1.44 9.55
CA ASP A 67 -14.80 -1.34 10.89
C ASP A 67 -14.17 -0.29 11.80
N CYS A 68 -12.93 0.11 11.50
CA CYS A 68 -12.14 0.93 12.43
C CYS A 68 -12.54 2.41 12.44
N ASP A 69 -12.17 3.10 13.52
CA ASP A 69 -12.27 4.55 13.59
C ASP A 69 -10.96 5.20 13.13
N ALA A 70 -9.86 4.50 13.33
CA ALA A 70 -8.55 4.93 12.82
C ALA A 70 -7.63 3.76 12.56
N VAL A 71 -6.62 4.00 11.73
CA VAL A 71 -5.50 3.08 11.60
C VAL A 71 -4.29 3.76 12.25
N ILE A 72 -3.60 3.02 13.13
CA ILE A 72 -2.25 3.42 13.51
C ILE A 72 -1.31 2.46 12.82
N ALA A 73 -0.50 3.00 11.91
CA ALA A 73 0.37 2.24 11.03
C ALA A 73 1.84 2.43 11.37
N ASP A 74 2.53 1.32 11.55
CA ASP A 74 3.97 1.29 11.76
C ASP A 74 4.68 1.31 10.40
N LEU A 75 5.17 2.49 10.03
CA LEU A 75 5.89 2.69 8.78
C LEU A 75 7.42 2.69 8.96
N SER A 76 7.88 1.99 10.01
CA SER A 76 9.30 1.86 10.26
C SER A 76 9.96 1.11 9.10
N PRO A 77 11.27 1.35 8.89
CA PRO A 77 12.00 0.59 7.87
C PRO A 77 11.75 -0.90 8.01
N PHE A 78 11.45 -1.54 6.89
CA PHE A 78 11.26 -3.00 6.84
C PHE A 78 12.05 -3.57 5.67
N ARG A 79 13.04 -4.40 6.01
CA ARG A 79 13.94 -5.04 5.04
C ARG A 79 14.65 -3.99 4.18
N GLY A 80 15.13 -2.95 4.86
CA GLY A 80 15.76 -1.80 4.19
C GLY A 80 15.10 -0.51 4.67
N HIS A 81 15.26 0.56 3.89
CA HIS A 81 14.72 1.87 4.27
C HIS A 81 13.23 2.09 4.00
N GLU A 82 12.62 1.21 3.21
CA GLU A 82 11.21 1.34 2.81
C GLU A 82 10.29 0.71 3.86
N PRO A 83 9.11 1.32 4.11
CA PRO A 83 8.12 0.63 4.95
C PRO A 83 7.62 -0.68 4.34
N ASP A 84 6.91 -1.47 5.14
CA ASP A 84 6.27 -2.71 4.70
C ASP A 84 5.13 -2.45 3.72
N CYS A 85 5.15 -3.16 2.58
CA CYS A 85 4.12 -3.03 1.54
C CYS A 85 2.72 -3.46 1.98
N GLY A 86 2.64 -4.46 2.86
CA GLY A 86 1.36 -4.90 3.40
C GLY A 86 0.72 -3.78 4.20
N THR A 87 1.53 -3.16 5.05
CA THR A 87 1.12 -1.97 5.82
C THR A 87 0.72 -0.83 4.87
N ALA A 88 1.53 -0.60 3.82
CA ALA A 88 1.23 0.44 2.82
C ALA A 88 -0.11 0.23 2.12
N PHE A 89 -0.40 -1.02 1.74
CA PHE A 89 -1.70 -1.40 1.18
C PHE A 89 -2.83 -1.04 2.15
N GLU A 90 -2.63 -1.32 3.44
CA GLU A 90 -3.64 -1.04 4.45
C GLU A 90 -3.88 0.46 4.66
N VAL A 91 -2.81 1.25 4.57
CA VAL A 91 -2.89 2.72 4.64
C VAL A 91 -3.68 3.28 3.44
N GLY A 92 -3.46 2.71 2.27
CA GLY A 92 -4.22 3.09 1.06
C GLY A 92 -5.70 2.76 1.14
N CYS A 93 -6.01 1.56 1.63
CA CYS A 93 -7.38 1.15 1.93
C CYS A 93 -8.06 2.16 2.83
N ALA A 94 -7.40 2.50 3.94
CA ALA A 94 -7.93 3.44 4.91
C ALA A 94 -8.15 4.83 4.33
N ALA A 95 -7.19 5.30 3.52
CA ALA A 95 -7.29 6.58 2.84
C ALA A 95 -8.53 6.65 1.94
N ALA A 96 -8.73 5.61 1.14
CA ALA A 96 -9.86 5.53 0.21
C ALA A 96 -11.19 5.46 0.94
N LEU A 97 -11.18 4.95 2.17
CA LEU A 97 -12.38 4.84 2.99
C LEU A 97 -12.56 6.05 3.91
N ASN A 98 -11.70 7.05 3.76
CA ASN A 98 -11.77 8.29 4.55
C ASN A 98 -11.65 8.05 6.07
N LYS A 99 -10.84 7.06 6.44
CA LYS A 99 -10.57 6.78 7.85
C LYS A 99 -9.43 7.67 8.31
N MSE A 100 -9.43 8.03 9.59
CA MSE A 100 -8.26 8.69 10.18
C MSE A 100 -7.05 7.76 10.09
O MSE A 100 -7.11 6.60 10.52
CB MSE A 100 -8.55 9.05 11.64
CG MSE A 100 -7.35 9.63 12.39
SE MSE A 100 -7.82 10.12 14.21
CE MSE A 100 -8.90 11.73 13.83
N VAL A 101 -5.96 8.26 9.52
CA VAL A 101 -4.74 7.48 9.42
C VAL A 101 -3.61 8.16 10.18
N LEU A 102 -3.05 7.43 11.14
CA LEU A 102 -1.94 7.91 11.94
C LEU A 102 -0.75 7.00 11.75
N THR A 103 0.41 7.59 11.44
CA THR A 103 1.59 6.80 11.12
C THR A 103 2.74 7.12 12.06
N PHE A 104 3.63 6.15 12.26
CA PHE A 104 4.86 6.39 12.99
C PHE A 104 6.02 5.63 12.37
N THR A 105 7.24 6.01 12.77
CA THR A 105 8.45 5.32 12.34
C THR A 105 9.57 5.50 13.34
N SER A 106 10.43 4.48 13.43
CA SER A 106 11.64 4.52 14.23
C SER A 106 12.73 5.39 13.60
N ASP A 107 12.53 5.85 12.37
CA ASP A 107 13.53 6.63 11.63
C ASP A 107 12.85 7.74 10.84
N ARG A 108 12.94 8.98 11.35
CA ARG A 108 12.23 10.12 10.77
C ARG A 108 13.05 10.91 9.75
N ARG A 109 14.27 10.47 9.48
CA ARG A 109 15.14 11.15 8.50
C ARG A 109 14.48 11.19 7.11
N ASN A 110 14.80 12.23 6.33
CA ASN A 110 14.35 12.31 4.92
C ASN A 110 14.87 11.08 4.18
N MSE A 111 14.12 10.64 3.16
CA MSE A 111 14.56 9.53 2.30
C MSE A 111 15.97 9.77 1.76
O MSE A 111 16.79 8.84 1.69
CB MSE A 111 13.59 9.33 1.14
CG MSE A 111 12.22 8.80 1.54
SE MSE A 111 11.24 8.19 -0.02
CE MSE A 111 12.22 6.51 -0.37
N ARG A 112 16.25 11.00 1.35
CA ARG A 112 17.58 11.31 0.80
C ARG A 112 18.71 11.23 1.84
N GLU A 113 18.38 11.49 3.10
CA GLU A 113 19.32 11.28 4.20
C GLU A 113 19.54 9.78 4.42
N LYS A 114 18.45 9.02 4.40
CA LYS A 114 18.50 7.56 4.59
C LYS A 114 19.36 6.88 3.54
N TYR A 115 19.13 7.22 2.28
CA TYR A 115 19.89 6.65 1.16
C TYR A 115 21.25 7.33 0.96
N GLY A 116 21.41 8.52 1.53
CA GLY A 116 22.67 9.26 1.49
C GLY A 116 22.93 9.96 0.16
N SER A 117 21.92 10.01 -0.69
CA SER A 117 22.02 10.56 -2.04
C SER A 117 20.63 10.74 -2.62
N GLY A 118 20.55 11.42 -3.77
CA GLY A 118 19.31 11.53 -4.54
C GLY A 118 19.01 10.32 -5.40
N VAL A 119 19.94 9.36 -5.43
CA VAL A 119 19.71 8.06 -6.08
C VAL A 119 20.16 6.92 -5.18
N ASP A 120 19.58 5.74 -5.39
CA ASP A 120 20.00 4.53 -4.67
C ASP A 120 21.19 3.87 -5.36
N LYS A 121 21.60 2.70 -4.87
CA LYS A 121 22.77 1.98 -5.37
C LYS A 121 22.66 1.57 -6.85
N ASP A 122 21.44 1.56 -7.37
CA ASP A 122 21.16 1.18 -8.74
C ASP A 122 20.79 2.39 -9.61
N ASN A 123 21.08 3.59 -9.10
CA ASN A 123 20.80 4.86 -9.81
C ASN A 123 19.30 5.14 -9.98
N LEU A 124 18.48 4.57 -9.12
CA LEU A 124 17.05 4.85 -9.12
C LEU A 124 16.78 6.03 -8.19
N ARG A 125 15.86 6.89 -8.60
CA ARG A 125 15.60 8.15 -7.92
C ARG A 125 15.05 7.95 -6.51
N VAL A 126 15.61 8.71 -5.57
CA VAL A 126 15.13 8.77 -4.19
C VAL A 126 14.34 10.07 -4.07
N GLU A 127 13.09 9.99 -3.63
CA GLU A 127 12.19 11.16 -3.54
C GLU A 127 12.80 12.31 -2.74
N GLY A 128 12.58 13.54 -3.21
CA GLY A 128 13.13 14.73 -2.57
C GLY A 128 12.06 15.72 -2.13
N PHE A 129 11.21 15.27 -1.21
CA PHE A 129 10.11 16.10 -0.71
C PHE A 129 10.21 16.31 0.79
N GLY A 130 11.40 16.06 1.34
CA GLY A 130 11.64 16.23 2.77
C GLY A 130 10.76 15.34 3.63
N LEU A 131 10.48 14.14 3.13
CA LEU A 131 9.65 13.17 3.86
C LEU A 131 10.42 11.89 4.14
N PRO A 132 10.06 11.16 5.21
CA PRO A 132 10.79 9.92 5.57
C PRO A 132 10.51 8.68 4.72
N PHE A 133 9.46 8.72 3.90
CA PHE A 133 9.09 7.59 3.06
C PHE A 133 8.25 8.04 1.88
N ASN A 134 7.90 7.09 1.02
CA ASN A 134 7.11 7.35 -0.18
C ASN A 134 5.98 8.34 0.10
N LEU A 135 5.89 9.41 -0.69
CA LEU A 135 4.95 10.50 -0.40
C LEU A 135 3.47 10.07 -0.38
N MSE A 136 3.15 8.94 -1.00
CA MSE A 136 1.78 8.43 -1.00
C MSE A 136 1.32 8.13 0.44
O MSE A 136 0.12 8.16 0.74
CB MSE A 136 1.64 7.18 -1.88
CG MSE A 136 1.88 7.45 -3.39
SE MSE A 136 0.77 8.92 -4.12
CE MSE A 136 -0.97 8.07 -4.06
N LEU A 137 2.29 7.87 1.31
CA LEU A 137 2.01 7.48 2.69
C LEU A 137 1.84 8.65 3.66
N TYR A 138 2.02 9.87 3.15
CA TYR A 138 1.90 11.09 3.95
C TYR A 138 0.63 11.86 3.57
N ASP A 139 -0.23 12.11 4.54
CA ASP A 139 -1.48 12.82 4.28
C ASP A 139 -1.62 14.20 4.96
N GLY A 140 -0.54 14.67 5.59
CA GLY A 140 -0.56 15.98 6.23
C GLY A 140 -0.56 15.90 7.75
N VAL A 141 -1.01 14.76 8.28
CA VAL A 141 -0.88 14.50 9.71
C VAL A 141 0.58 14.27 10.06
N GLU A 142 1.01 14.82 11.19
CA GLU A 142 2.37 14.64 11.70
C GLU A 142 2.76 13.15 11.70
N VAL A 143 3.98 12.87 11.25
CA VAL A 143 4.55 11.52 11.37
C VAL A 143 5.09 11.38 12.80
N PHE A 144 4.53 10.43 13.54
CA PHE A 144 4.86 10.25 14.95
C PHE A 144 6.10 9.39 15.19
N ASP A 145 6.66 9.48 16.39
CA ASP A 145 7.87 8.73 16.75
C ASP A 145 7.61 7.34 17.29
N SER A 146 6.37 7.06 17.68
CA SER A 146 6.02 5.78 18.30
C SER A 146 4.53 5.51 18.20
N PHE A 147 4.15 4.27 18.48
CA PHE A 147 2.74 3.94 18.60
C PHE A 147 2.05 4.84 19.63
N GLU A 148 2.71 5.01 20.78
CA GLU A 148 2.19 5.79 21.90
C GLU A 148 1.86 7.24 21.54
N SER A 149 2.74 7.91 20.80
CA SER A 149 2.49 9.30 20.41
C SER A 149 1.38 9.41 19.36
N ALA A 150 1.30 8.44 18.47
CA ALA A 150 0.17 8.36 17.54
C ALA A 150 -1.14 8.13 18.30
N PHE A 151 -1.11 7.26 19.31
CA PHE A 151 -2.32 6.96 20.10
C PHE A 151 -2.79 8.19 20.87
N LYS A 152 -1.86 9.01 21.33
CA LYS A 152 -2.20 10.25 22.04
C LYS A 152 -2.97 11.21 21.12
N TYR A 153 -2.53 11.31 19.86
CA TYR A 153 -3.24 12.10 18.85
C TYR A 153 -4.67 11.58 18.63
N PHE A 154 -4.80 10.25 18.55
CA PHE A 154 -6.12 9.63 18.42
C PHE A 154 -7.06 10.07 19.54
N LEU A 155 -6.60 9.93 20.78
CA LEU A 155 -7.41 10.27 21.94
C LEU A 155 -7.80 11.74 21.95
N ALA A 156 -6.90 12.60 21.51
CA ALA A 156 -7.17 14.04 21.45
C ALA A 156 -8.09 14.44 20.30
N ASN A 157 -8.17 13.59 19.27
CA ASN A 157 -8.86 13.95 18.04
C ASN A 157 -10.02 13.06 17.65
N PHE A 158 -10.20 11.96 18.37
CA PHE A 158 -11.34 11.08 18.16
C PHE A 158 -11.97 10.73 19.52
N PRO A 159 -12.71 11.69 20.10
CA PRO A 159 -13.28 11.50 21.44
C PRO A 159 -14.41 10.48 21.46
N SER A 160 -14.66 9.87 22.62
CA SER A 160 -15.76 8.93 22.82
C SER A 160 -17.12 9.62 22.69
N HIS B 3 -28.77 8.82 -31.30
CA HIS B 3 -27.57 9.49 -31.86
C HIS B 3 -26.89 10.41 -30.84
N HIS B 4 -25.56 10.37 -30.85
CA HIS B 4 -24.70 11.21 -30.01
C HIS B 4 -25.01 11.11 -28.51
N HIS B 5 -25.09 9.87 -28.04
CA HIS B 5 -25.11 9.58 -26.61
C HIS B 5 -23.70 9.80 -26.08
N HIS B 6 -23.59 10.05 -24.77
CA HIS B 6 -22.27 10.13 -24.15
C HIS B 6 -21.54 8.79 -24.32
N HIS B 7 -20.27 8.86 -24.69
CA HIS B 7 -19.46 7.65 -24.76
C HIS B 7 -18.34 7.68 -23.72
N HIS B 8 -18.33 6.66 -22.86
CA HIS B 8 -17.28 6.53 -21.86
C HIS B 8 -15.98 6.08 -22.53
N MSE B 9 -14.90 6.78 -22.22
CA MSE B 9 -13.58 6.33 -22.63
C MSE B 9 -12.97 5.60 -21.44
O MSE B 9 -12.86 6.15 -20.35
CB MSE B 9 -12.70 7.49 -23.06
CG MSE B 9 -11.36 7.06 -23.58
SE MSE B 9 -10.40 8.54 -24.39
CE MSE B 9 -11.33 8.59 -26.09
N ARG B 10 -12.59 4.34 -21.68
CA ARG B 10 -11.97 3.51 -20.64
C ARG B 10 -10.65 4.08 -20.16
N LYS B 11 -10.37 3.91 -18.87
CA LYS B 11 -9.22 4.53 -18.22
C LYS B 11 -8.52 3.53 -17.30
N ILE B 12 -7.20 3.46 -17.39
CA ILE B 12 -6.40 2.60 -16.51
C ILE B 12 -5.33 3.42 -15.79
N TYR B 13 -5.31 3.29 -14.46
CA TYR B 13 -4.26 3.90 -13.65
C TYR B 13 -2.99 3.06 -13.73
N ILE B 14 -1.87 3.72 -14.03
CA ILE B 14 -0.62 3.04 -14.31
C ILE B 14 0.28 3.10 -13.09
N ALA B 15 0.13 2.11 -12.22
CA ALA B 15 0.83 2.10 -10.92
C ALA B 15 2.12 1.30 -11.01
N GLY B 16 3.19 1.83 -10.42
CA GLY B 16 4.46 1.11 -10.43
C GLY B 16 5.66 2.00 -10.28
N PRO B 17 6.80 1.43 -9.87
CA PRO B 17 8.00 2.19 -9.55
C PRO B 17 8.83 2.65 -10.77
N ALA B 18 8.29 2.53 -11.98
CA ALA B 18 8.99 3.05 -13.17
C ALA B 18 9.29 4.55 -13.04
N VAL B 19 8.44 5.26 -12.28
CA VAL B 19 8.66 6.68 -11.98
C VAL B 19 10.05 6.98 -11.38
N PHE B 20 10.65 5.98 -10.74
CA PHE B 20 11.97 6.13 -10.12
C PHE B 20 13.14 5.82 -11.06
N ASN B 21 12.83 5.38 -12.28
CA ASN B 21 13.84 5.21 -13.32
C ASN B 21 14.52 6.55 -13.62
N PRO B 22 15.80 6.51 -14.05
CA PRO B 22 16.52 7.74 -14.39
C PRO B 22 15.72 8.67 -15.31
N ASP B 23 14.95 8.09 -16.23
CA ASP B 23 14.12 8.87 -17.16
C ASP B 23 12.74 9.23 -16.60
N MSE B 24 12.55 9.01 -15.30
CA MSE B 24 11.30 9.31 -14.60
C MSE B 24 10.11 8.50 -15.14
O MSE B 24 8.95 8.92 -15.01
CB MSE B 24 11.02 10.81 -14.62
CG MSE B 24 12.10 11.65 -13.96
SE MSE B 24 11.64 13.54 -13.88
CE MSE B 24 9.96 13.38 -12.82
N GLY B 25 10.41 7.34 -15.73
CA GLY B 25 9.40 6.43 -16.24
C GLY B 25 9.08 6.58 -17.72
N ALA B 26 9.72 7.51 -18.39
CA ALA B 26 9.39 7.86 -19.78
C ALA B 26 9.27 6.64 -20.71
N SER B 27 10.28 5.76 -20.71
CA SER B 27 10.27 4.60 -21.61
C SER B 27 9.12 3.63 -21.29
N TYR B 28 8.89 3.40 -20.00
CA TYR B 28 7.78 2.57 -19.53
C TYR B 28 6.44 3.17 -19.93
N TYR B 29 6.23 4.44 -19.60
CA TYR B 29 4.99 5.13 -19.91
C TYR B 29 4.74 5.26 -21.42
N ASN B 30 5.79 5.46 -22.20
CA ASN B 30 5.65 5.50 -23.66
C ASN B 30 5.13 4.19 -24.24
N LYS B 31 5.68 3.08 -23.74
CA LYS B 31 5.23 1.74 -24.14
C LYS B 31 3.76 1.50 -23.79
N VAL B 32 3.39 1.93 -22.59
CA VAL B 32 2.00 1.87 -22.11
C VAL B 32 1.08 2.71 -23.01
N ARG B 33 1.48 3.96 -23.27
CA ARG B 33 0.71 4.87 -24.12
C ARG B 33 0.43 4.29 -25.50
N GLU B 34 1.46 3.73 -26.12
CA GLU B 34 1.34 3.17 -27.47
C GLU B 34 0.38 1.97 -27.51
N LEU B 35 0.48 1.12 -26.49
CA LEU B 35 -0.34 -0.08 -26.40
C LEU B 35 -1.81 0.26 -26.15
N LEU B 36 -2.06 1.19 -25.23
CA LEU B 36 -3.42 1.58 -24.87
C LEU B 36 -4.10 2.40 -25.96
N LYS B 37 -3.31 3.21 -26.68
CA LYS B 37 -3.84 4.07 -27.75
C LYS B 37 -4.59 3.28 -28.82
N LYS B 38 -4.08 2.08 -29.13
CA LYS B 38 -4.69 1.18 -30.10
C LYS B 38 -6.12 0.77 -29.73
N GLU B 39 -6.43 0.80 -28.43
CA GLU B 39 -7.71 0.31 -27.92
C GLU B 39 -8.62 1.43 -27.44
N ASN B 40 -8.19 2.67 -27.64
CA ASN B 40 -8.93 3.84 -27.19
C ASN B 40 -9.09 3.84 -25.66
N VAL B 41 -8.04 3.40 -24.96
CA VAL B 41 -7.99 3.38 -23.51
C VAL B 41 -7.04 4.48 -23.05
N MSE B 42 -7.47 5.27 -22.06
CA MSE B 42 -6.67 6.36 -21.51
C MSE B 42 -5.77 5.87 -20.38
O MSE B 42 -6.29 5.39 -19.36
CB MSE B 42 -7.56 7.46 -20.95
CG MSE B 42 -8.08 8.43 -21.95
SE MSE B 42 -9.22 9.71 -21.03
CE MSE B 42 -7.90 10.48 -19.82
N PRO B 43 -4.44 5.99 -20.53
CA PRO B 43 -3.54 5.79 -19.39
C PRO B 43 -3.62 6.97 -18.41
N LEU B 44 -3.85 6.67 -17.14
CA LEU B 44 -3.76 7.68 -16.09
C LEU B 44 -2.42 7.48 -15.39
N ILE B 45 -1.48 8.38 -15.68
CA ILE B 45 -0.08 8.20 -15.32
C ILE B 45 0.27 9.10 -14.15
N PRO B 46 0.92 8.53 -13.11
CA PRO B 46 1.23 9.24 -11.85
C PRO B 46 1.92 10.60 -12.00
N THR B 47 2.77 10.74 -13.03
CA THR B 47 3.53 11.99 -13.25
C THR B 47 2.82 13.00 -14.16
N ASP B 48 1.63 12.67 -14.65
CA ASP B 48 0.88 13.57 -15.53
C ASP B 48 0.40 14.83 -14.82
N ASN B 49 0.62 15.98 -15.46
CA ASN B 49 0.26 17.30 -14.91
C ASN B 49 0.80 17.49 -13.50
N GLU B 50 2.03 17.06 -13.28
CA GLU B 50 2.59 16.95 -11.93
C GLU B 50 2.61 18.27 -11.16
N ALA B 51 2.18 18.19 -9.90
CA ALA B 51 2.24 19.31 -8.98
C ALA B 51 3.62 19.36 -8.34
N THR B 52 3.87 20.38 -7.53
CA THR B 52 5.18 20.56 -6.90
C THR B 52 5.17 20.14 -5.44
N GLU B 53 3.99 20.15 -4.82
CA GLU B 53 3.85 19.79 -3.41
C GLU B 53 3.39 18.34 -3.23
N ALA B 54 4.03 17.64 -2.29
CA ALA B 54 3.76 16.22 -2.05
C ALA B 54 2.28 15.90 -1.92
N LEU B 55 1.55 16.69 -1.13
CA LEU B 55 0.14 16.42 -0.86
C LEU B 55 -0.72 16.58 -2.11
N ASP B 56 -0.33 17.52 -2.98
CA ASP B 56 -1.02 17.75 -4.25
C ASP B 56 -0.79 16.57 -5.21
N ILE B 57 0.46 16.12 -5.29
CA ILE B 57 0.82 14.93 -6.07
C ILE B 57 0.02 13.70 -5.62
N ARG B 58 0.01 13.47 -4.30
CA ARG B 58 -0.77 12.38 -3.72
C ARG B 58 -2.27 12.48 -4.06
N GLN B 59 -2.86 13.65 -3.86
CA GLN B 59 -4.29 13.81 -4.07
C GLN B 59 -4.68 13.60 -5.53
N LYS B 60 -3.83 14.09 -6.46
CA LYS B 60 -4.08 13.90 -7.88
C LYS B 60 -4.02 12.43 -8.27
N ASN B 61 -3.09 11.69 -7.66
CA ASN B 61 -3.00 10.25 -7.88
C ASN B 61 -4.19 9.48 -7.32
N ILE B 62 -4.61 9.83 -6.12
CA ILE B 62 -5.81 9.22 -5.55
C ILE B 62 -7.04 9.48 -6.43
N GLN B 63 -7.15 10.70 -6.96
CA GLN B 63 -8.25 11.04 -7.88
C GLN B 63 -8.20 10.20 -9.16
N MSE B 64 -7.01 9.95 -9.68
CA MSE B 64 -6.84 9.07 -10.83
C MSE B 64 -7.40 7.68 -10.54
O MSE B 64 -8.10 7.09 -11.38
CB MSE B 64 -5.37 8.97 -11.26
CG MSE B 64 -4.87 10.25 -11.92
SE MSE B 64 -3.04 10.06 -12.62
CE MSE B 64 -2.85 11.81 -13.45
N ILE B 65 -7.13 7.16 -9.35
CA ILE B 65 -7.66 5.87 -8.95
C ILE B 65 -9.19 5.91 -8.85
N LYS B 66 -9.75 6.98 -8.26
CA LYS B 66 -11.20 7.16 -8.24
C LYS B 66 -11.77 7.19 -9.67
N ASP B 67 -11.03 7.80 -10.59
CA ASP B 67 -11.48 7.98 -11.98
C ASP B 67 -11.37 6.75 -12.87
N CYS B 68 -10.51 5.80 -12.47
CA CYS B 68 -10.12 4.69 -13.35
C CYS B 68 -11.18 3.59 -13.43
N ASP B 69 -11.09 2.78 -14.47
CA ASP B 69 -11.86 1.55 -14.60
C ASP B 69 -11.06 0.36 -14.06
N ALA B 70 -9.74 0.48 -14.14
CA ALA B 70 -8.85 -0.52 -13.55
C ALA B 70 -7.49 0.08 -13.20
N VAL B 71 -6.80 -0.61 -12.28
CA VAL B 71 -5.40 -0.34 -12.03
C VAL B 71 -4.59 -1.51 -12.61
N ILE B 72 -3.57 -1.19 -13.40
CA ILE B 72 -2.56 -2.20 -13.71
C ILE B 72 -1.31 -1.80 -12.93
N ALA B 73 -0.94 -2.66 -11.97
CA ALA B 73 0.12 -2.38 -11.00
C ALA B 73 1.34 -3.24 -11.23
N ASP B 74 2.49 -2.57 -11.36
CA ASP B 74 3.77 -3.25 -11.45
C ASP B 74 4.27 -3.58 -10.04
N LEU B 75 4.12 -4.85 -9.65
CA LEU B 75 4.57 -5.32 -8.34
C LEU B 75 5.91 -6.07 -8.41
N SER B 76 6.71 -5.70 -9.42
CA SER B 76 8.06 -6.24 -9.55
C SER B 76 8.90 -5.87 -8.32
N PRO B 77 9.91 -6.70 -8.00
CA PRO B 77 10.85 -6.37 -6.93
C PRO B 77 11.35 -4.92 -7.06
N PHE B 78 11.29 -4.18 -5.95
CA PHE B 78 11.82 -2.82 -5.90
C PHE B 78 12.69 -2.67 -4.66
N ARG B 79 13.98 -2.41 -4.89
CA ARG B 79 14.99 -2.28 -3.84
C ARG B 79 15.06 -3.52 -2.94
N GLY B 80 15.05 -4.68 -3.59
CA GLY B 80 14.98 -5.98 -2.92
C GLY B 80 13.84 -6.81 -3.46
N HIS B 81 13.39 -7.79 -2.68
CA HIS B 81 12.35 -8.72 -3.13
C HIS B 81 10.92 -8.19 -2.99
N GLU B 82 10.74 -7.10 -2.25
CA GLU B 82 9.42 -6.56 -1.96
C GLU B 82 9.00 -5.56 -3.07
N PRO B 83 7.70 -5.54 -3.42
CA PRO B 83 7.20 -4.49 -4.32
C PRO B 83 7.35 -3.08 -3.73
N ASP B 84 7.18 -2.07 -4.59
CA ASP B 84 7.16 -0.67 -4.19
C ASP B 84 5.96 -0.34 -3.27
N CYS B 85 6.23 0.30 -2.13
CA CYS B 85 5.18 0.69 -1.18
C CYS B 85 4.18 1.72 -1.71
N GLY B 86 4.65 2.63 -2.55
CA GLY B 86 3.77 3.60 -3.22
C GLY B 86 2.74 2.89 -4.07
N THR B 87 3.21 1.95 -4.87
CA THR B 87 2.36 1.08 -5.69
C THR B 87 1.39 0.28 -4.79
N ALA B 88 1.91 -0.26 -3.69
CA ALA B 88 1.09 -1.02 -2.74
C ALA B 88 -0.05 -0.19 -2.14
N PHE B 89 0.27 1.05 -1.74
CA PHE B 89 -0.74 2.02 -1.27
C PHE B 89 -1.82 2.19 -2.35
N GLU B 90 -1.39 2.31 -3.60
CA GLU B 90 -2.34 2.54 -4.70
C GLU B 90 -3.26 1.36 -4.95
N VAL B 91 -2.72 0.14 -4.83
CA VAL B 91 -3.49 -1.10 -4.93
C VAL B 91 -4.53 -1.19 -3.81
N GLY B 92 -4.14 -0.79 -2.59
CA GLY B 92 -5.07 -0.72 -1.45
C GLY B 92 -6.21 0.25 -1.64
N CYS B 93 -5.88 1.46 -2.11
CA CYS B 93 -6.86 2.46 -2.51
C CYS B 93 -7.87 1.88 -3.50
N ALA B 94 -7.36 1.23 -4.54
CA ALA B 94 -8.20 0.63 -5.59
C ALA B 94 -9.11 -0.47 -5.03
N ALA B 95 -8.55 -1.32 -4.17
CA ALA B 95 -9.32 -2.39 -3.54
C ALA B 95 -10.50 -1.84 -2.72
N ALA B 96 -10.23 -0.80 -1.92
CA ALA B 96 -11.26 -0.16 -1.09
C ALA B 96 -12.35 0.48 -1.93
N LEU B 97 -11.99 0.90 -3.14
CA LEU B 97 -12.92 1.55 -4.06
C LEU B 97 -13.59 0.56 -5.01
N ASN B 98 -13.35 -0.73 -4.79
CA ASN B 98 -13.90 -1.80 -5.62
C ASN B 98 -13.57 -1.67 -7.12
N LYS B 99 -12.35 -1.21 -7.40
CA LYS B 99 -11.87 -1.12 -8.77
C LYS B 99 -11.23 -2.44 -9.16
N MSE B 100 -11.33 -2.80 -10.44
CA MSE B 100 -10.57 -3.93 -10.97
C MSE B 100 -9.07 -3.70 -10.74
O MSE B 100 -8.54 -2.65 -11.14
CB MSE B 100 -10.85 -4.12 -12.45
CG MSE B 100 -10.03 -5.23 -13.11
SE MSE B 100 -10.55 -5.46 -14.97
CE MSE B 100 -12.31 -6.36 -14.66
N VAL B 101 -8.41 -4.65 -10.10
CA VAL B 101 -6.97 -4.51 -9.88
C VAL B 101 -6.26 -5.68 -10.56
N LEU B 102 -5.35 -5.32 -11.46
CA LEU B 102 -4.54 -6.30 -12.20
C LEU B 102 -3.07 -6.04 -11.89
N THR B 103 -2.35 -7.10 -11.53
CA THR B 103 -0.98 -6.95 -11.12
C THR B 103 -0.06 -7.80 -11.96
N PHE B 104 1.20 -7.35 -12.08
CA PHE B 104 2.23 -8.18 -12.71
C PHE B 104 3.57 -8.03 -11.98
N THR B 105 4.48 -8.96 -12.28
CA THR B 105 5.83 -8.92 -11.73
C THR B 105 6.81 -9.64 -12.65
N SER B 106 8.04 -9.16 -12.66
CA SER B 106 9.14 -9.80 -13.37
C SER B 106 9.65 -11.07 -12.67
N ASP B 107 9.14 -11.34 -11.47
CA ASP B 107 9.61 -12.47 -10.66
C ASP B 107 8.42 -13.11 -9.96
N ARG B 108 7.97 -14.25 -10.50
CA ARG B 108 6.75 -14.91 -9.98
C ARG B 108 7.02 -15.99 -8.92
N ARG B 109 8.29 -16.19 -8.56
CA ARG B 109 8.65 -17.14 -7.51
C ARG B 109 7.95 -16.85 -6.18
N ASN B 110 7.67 -17.90 -5.39
CA ASN B 110 7.13 -17.72 -4.04
C ASN B 110 8.10 -16.89 -3.20
N MSE B 111 7.58 -16.13 -2.24
CA MSE B 111 8.42 -15.34 -1.35
C MSE B 111 9.50 -16.20 -0.70
O MSE B 111 10.65 -15.77 -0.57
CB MSE B 111 7.59 -14.67 -0.24
CG MSE B 111 6.70 -13.57 -0.76
SE MSE B 111 5.97 -12.55 0.73
CE MSE B 111 7.57 -11.51 1.23
N ARG B 112 9.15 -17.42 -0.29
CA ARG B 112 10.12 -18.29 0.36
C ARG B 112 11.21 -18.79 -0.58
N GLU B 113 10.90 -18.84 -1.88
CA GLU B 113 11.89 -19.15 -2.90
C GLU B 113 12.82 -17.96 -3.10
N LYS B 114 12.24 -16.76 -3.15
CA LYS B 114 13.00 -15.52 -3.30
C LYS B 114 13.99 -15.31 -2.16
N TYR B 115 13.50 -15.45 -0.93
CA TYR B 115 14.36 -15.31 0.27
C TYR B 115 15.21 -16.54 0.56
N GLY B 116 14.82 -17.68 -0.01
CA GLY B 116 15.58 -18.93 0.11
C GLY B 116 15.38 -19.64 1.43
N SER B 117 14.41 -19.18 2.21
CA SER B 117 14.14 -19.69 3.55
C SER B 117 12.77 -19.18 4.03
N GLY B 118 12.30 -19.73 5.15
CA GLY B 118 11.10 -19.21 5.80
C GLY B 118 11.34 -17.97 6.66
N VAL B 119 12.60 -17.55 6.75
CA VAL B 119 12.96 -16.30 7.43
C VAL B 119 13.97 -15.52 6.59
N ASP B 120 14.02 -14.21 6.80
CA ASP B 120 15.02 -13.37 6.14
C ASP B 120 16.33 -13.35 6.92
N LYS B 121 17.28 -12.51 6.50
CA LYS B 121 18.61 -12.44 7.10
C LYS B 121 18.59 -12.00 8.56
N ASP B 122 17.47 -11.40 8.98
CA ASP B 122 17.29 -10.91 10.35
C ASP B 122 16.33 -11.77 11.16
N ASN B 123 16.07 -12.98 10.67
CA ASN B 123 15.16 -13.95 11.31
C ASN B 123 13.69 -13.49 11.36
N LEU B 124 13.32 -12.60 10.45
CA LEU B 124 11.94 -12.16 10.31
C LEU B 124 11.22 -13.08 9.34
N ARG B 125 9.97 -13.40 9.67
CA ARG B 125 9.20 -14.40 8.94
C ARG B 125 8.90 -13.99 7.51
N VAL B 126 9.11 -14.94 6.59
CA VAL B 126 8.76 -14.79 5.19
C VAL B 126 7.47 -15.56 4.99
N GLU B 127 6.45 -14.90 4.43
CA GLU B 127 5.12 -15.50 4.23
C GLU B 127 5.17 -16.83 3.48
N GLY B 128 4.35 -17.78 3.92
CA GLY B 128 4.31 -19.12 3.33
C GLY B 128 2.95 -19.50 2.77
N PHE B 129 2.48 -18.72 1.81
CA PHE B 129 1.15 -18.92 1.20
C PHE B 129 1.26 -19.19 -0.30
N GLY B 130 2.46 -19.56 -0.74
CA GLY B 130 2.73 -19.85 -2.15
C GLY B 130 2.44 -18.68 -3.06
N LEU B 131 2.73 -17.47 -2.57
CA LEU B 131 2.50 -16.24 -3.34
C LEU B 131 3.81 -15.46 -3.53
N PRO B 132 3.91 -14.66 -4.61
CA PRO B 132 5.15 -13.94 -4.94
C PRO B 132 5.44 -12.71 -4.07
N PHE B 133 4.45 -12.24 -3.33
CA PHE B 133 4.59 -11.04 -2.51
C PHE B 133 3.56 -11.03 -1.40
N ASN B 134 3.65 -10.01 -0.53
CA ASN B 134 2.72 -9.83 0.59
C ASN B 134 1.29 -10.18 0.19
N LEU B 135 0.64 -11.07 0.95
CA LEU B 135 -0.68 -11.58 0.54
C LEU B 135 -1.79 -10.51 0.44
N MSE B 136 -1.58 -9.36 1.08
CA MSE B 136 -2.55 -8.25 0.96
C MSE B 136 -2.68 -7.80 -0.50
O MSE B 136 -3.72 -7.27 -0.91
CB MSE B 136 -2.16 -7.08 1.86
CG MSE B 136 -2.19 -7.38 3.36
SE MSE B 136 -3.90 -8.11 3.98
CE MSE B 136 -5.02 -6.56 3.83
N LEU B 137 -1.62 -8.03 -1.27
CA LEU B 137 -1.57 -7.58 -2.66
C LEU B 137 -2.20 -8.56 -3.66
N TYR B 138 -2.66 -9.71 -3.16
CA TYR B 138 -3.29 -10.73 -4.00
C TYR B 138 -4.79 -10.80 -3.74
N ASP B 139 -5.59 -10.64 -4.79
CA ASP B 139 -7.06 -10.66 -4.64
C ASP B 139 -7.77 -11.82 -5.34
N GLY B 140 -6.99 -12.77 -5.89
CA GLY B 140 -7.59 -13.92 -6.56
C GLY B 140 -7.44 -13.87 -8.08
N VAL B 141 -7.23 -12.68 -8.62
CA VAL B 141 -6.92 -12.55 -10.03
C VAL B 141 -5.48 -13.03 -10.27
N GLU B 142 -5.29 -13.74 -11.38
CA GLU B 142 -3.97 -14.24 -11.75
C GLU B 142 -2.93 -13.12 -11.69
N VAL B 143 -1.75 -13.43 -11.15
CA VAL B 143 -0.60 -12.52 -11.20
C VAL B 143 0.05 -12.68 -12.58
N PHE B 144 0.06 -11.60 -13.35
CA PHE B 144 0.55 -11.64 -14.73
C PHE B 144 2.07 -11.46 -14.85
N ASP B 145 2.62 -11.81 -16.01
CA ASP B 145 4.06 -11.74 -16.26
C ASP B 145 4.53 -10.40 -16.79
N SER B 146 3.60 -9.57 -17.25
CA SER B 146 3.95 -8.30 -17.87
C SER B 146 2.78 -7.35 -17.89
N PHE B 147 3.05 -6.08 -18.20
CA PHE B 147 1.99 -5.13 -18.43
C PHE B 147 1.04 -5.64 -19.51
N GLU B 148 1.62 -6.14 -20.61
CA GLU B 148 0.87 -6.58 -21.78
C GLU B 148 -0.14 -7.68 -21.47
N SER B 149 0.26 -8.67 -20.67
CA SER B 149 -0.64 -9.77 -20.34
C SER B 149 -1.75 -9.33 -19.37
N ALA B 150 -1.43 -8.41 -18.47
CA ALA B 150 -2.44 -7.79 -17.62
C ALA B 150 -3.44 -6.98 -18.47
N PHE B 151 -2.92 -6.24 -19.45
CA PHE B 151 -3.79 -5.44 -20.33
C PHE B 151 -4.73 -6.31 -21.17
N LYS B 152 -4.25 -7.49 -21.58
CA LYS B 152 -5.10 -8.42 -22.33
C LYS B 152 -6.29 -8.88 -21.49
N TYR B 153 -6.04 -9.15 -20.19
CA TYR B 153 -7.13 -9.49 -19.26
C TYR B 153 -8.13 -8.35 -19.15
N PHE B 154 -7.64 -7.11 -19.06
CA PHE B 154 -8.51 -5.93 -19.01
C PHE B 154 -9.44 -5.90 -20.22
N LEU B 155 -8.86 -6.04 -21.41
CA LEU B 155 -9.63 -5.98 -22.65
C LEU B 155 -10.70 -7.07 -22.72
N ALA B 156 -10.36 -8.26 -22.23
CA ALA B 156 -11.28 -9.39 -22.22
C ALA B 156 -12.37 -9.28 -21.15
N ASN B 157 -12.12 -8.47 -20.12
CA ASN B 157 -12.99 -8.43 -18.95
C ASN B 157 -13.62 -7.09 -18.63
N PHE B 158 -13.17 -6.05 -19.32
CA PHE B 158 -13.79 -4.74 -19.20
C PHE B 158 -14.07 -4.18 -20.61
N PRO B 159 -15.14 -4.68 -21.26
CA PRO B 159 -15.46 -4.25 -22.63
C PRO B 159 -15.95 -2.82 -22.70
N SER B 160 -15.81 -2.20 -23.88
CA SER B 160 -16.26 -0.83 -24.09
C SER B 160 -17.78 -0.75 -24.21
S SO4 C . -20.10 -0.70 18.14
O1 SO4 C . -20.51 0.61 17.67
O2 SO4 C . -19.10 -0.55 19.20
O3 SO4 C . -19.52 -1.48 17.06
O4 SO4 C . -21.26 -1.41 18.65
C1 GOL D . 1.75 -7.42 7.30
O1 GOL D . 2.07 -6.85 6.06
C2 GOL D . 0.48 -6.83 7.91
O2 GOL D . -0.55 -6.95 6.97
C3 GOL D . 0.72 -5.36 8.23
O3 GOL D . -0.30 -4.91 9.11
S SO4 E . -15.92 9.79 -19.66
O1 SO4 E . -16.54 10.97 -20.26
O2 SO4 E . -15.13 10.24 -18.52
O3 SO4 E . -15.06 9.13 -20.63
O4 SO4 E . -16.95 8.85 -19.22
C1 GOL F . 3.77 5.15 -8.77
O1 GOL F . 2.68 4.27 -9.01
C2 GOL F . 3.94 5.30 -7.28
O2 GOL F . 3.19 6.40 -6.84
C3 GOL F . 5.40 5.48 -6.89
O3 GOL F . 5.59 4.83 -5.66
#